data_5G1F
#
_entry.id   5G1F
#
_cell.length_a   50.590
_cell.length_b   78.360
_cell.length_c   166.430
_cell.angle_alpha   90.00
_cell.angle_beta   90.00
_cell.angle_gamma   90.00
#
_symmetry.space_group_name_H-M   'P 21 21 21'
#
loop_
_entity.id
_entity.type
_entity.pdbx_description
1 polymer '6-CARBOXYHEXANOATE-COA LIGASE'
2 non-polymer 'PIMELIC ACID'
3 non-polymer 'NONAETHYLENE GLYCOL'
4 non-polymer 'COENZYME A'
5 water water
#
_entity_poly.entity_id   1
_entity_poly.type   'polypeptide(L)'
_entity_poly.pdbx_seq_one_letter_code
;GAMEEETFYSVRMRASMNGSHEDGGKHISGGERLIPFHEMKHTVNALLEKGLSHSRGKPDFMQIQFEEVHESIKTIQPLP
VHTNEVSCPEEGQKLARLLLEKEGVSRDVIEKAYEQIPEWSDVRGAVLFDIHTGKRMDQTKEKGVRVSRMDWPDANFEKW
ALHSHVPAHSRIKEALALASKVSRHPAVVAELCWSDDPDYITGYVAGKKMGYQRITAMKEYGTEEGCRVFFIDGSNDVNT
YIHDLEKQPILIEWEEDHDS
;
_entity_poly.pdbx_strand_id   A,B
#
loop_
_chem_comp.id
_chem_comp.type
_chem_comp.name
_chem_comp.formula
2PE non-polymer 'NONAETHYLENE GLYCOL' 'C18 H38 O10'
COA non-polymer 'COENZYME A' 'C21 H36 N7 O16 P3 S'
PML non-polymer 'PIMELIC ACID' 'C7 H12 O4'
#
# COMPACT_ATOMS: atom_id res chain seq x y z
N GLU A 6 20.64 1.01 -12.08
CA GLU A 6 21.43 0.06 -11.24
C GLU A 6 21.01 0.03 -9.78
N THR A 7 20.21 1.00 -9.35
CA THR A 7 19.53 0.93 -8.06
C THR A 7 18.32 0.01 -8.16
N PHE A 8 18.19 -0.90 -7.21
CA PHE A 8 17.06 -1.81 -7.21
C PHE A 8 15.99 -1.44 -6.16
N TYR A 9 14.77 -1.88 -6.44
CA TYR A 9 13.64 -1.62 -5.60
C TYR A 9 12.96 -2.92 -5.23
N SER A 10 12.57 -3.00 -3.97
CA SER A 10 11.74 -4.09 -3.45
C SER A 10 10.30 -3.73 -3.64
N VAL A 11 9.55 -4.63 -4.27
CA VAL A 11 8.17 -4.35 -4.62
C VAL A 11 7.32 -5.48 -4.08
N ARG A 12 6.38 -5.12 -3.20
CA ARG A 12 5.60 -6.12 -2.49
C ARG A 12 4.10 -5.90 -2.67
N MET A 13 3.35 -7.01 -2.68
CA MET A 13 1.89 -6.96 -2.80
C MET A 13 1.22 -7.91 -1.80
N ARG A 14 0.17 -7.43 -1.14
CA ARG A 14 -0.67 -8.32 -0.33
C ARG A 14 -2.11 -8.07 -0.72
N ALA A 15 -2.92 -9.13 -0.72
CA ALA A 15 -4.34 -9.03 -1.04
C ALA A 15 -5.13 -9.99 -0.17
N SER A 16 -6.30 -9.57 0.28
CA SER A 16 -7.10 -10.39 1.18
C SER A 16 -8.60 -10.12 1.06
N MET A 17 -9.39 -11.02 1.66
CA MET A 17 -10.82 -10.96 1.64
C MET A 17 -11.30 -10.95 3.08
N ASN A 18 -12.31 -10.11 3.37
CA ASN A 18 -12.55 -9.62 4.74
C ASN A 18 -11.28 -9.08 5.39
N LYS A 26 -9.60 -13.93 5.55
CA LYS A 26 -8.86 -14.81 4.64
C LYS A 26 -7.85 -14.05 3.80
N HIS A 27 -6.61 -14.54 3.79
CA HIS A 27 -5.60 -14.11 2.83
C HIS A 27 -5.93 -14.64 1.42
N ILE A 28 -5.46 -13.93 0.40
CA ILE A 28 -5.72 -14.28 -1.00
C ILE A 28 -4.41 -14.55 -1.74
N SER A 29 -3.52 -13.57 -1.76
CA SER A 29 -2.42 -13.56 -2.72
C SER A 29 -1.34 -12.60 -2.28
N GLY A 30 -0.15 -12.79 -2.83
CA GLY A 30 0.99 -11.96 -2.48
C GLY A 30 2.08 -12.07 -3.51
N GLY A 31 3.00 -11.12 -3.50
CA GLY A 31 4.12 -11.16 -4.43
C GLY A 31 5.28 -10.36 -3.84
N GLU A 32 6.48 -10.84 -4.13
CA GLU A 32 7.69 -10.13 -3.80
C GLU A 32 8.48 -10.03 -5.04
N ARG A 33 9.00 -8.84 -5.32
CA ARG A 33 9.79 -8.63 -6.51
C ARG A 33 10.94 -7.73 -6.15
N LEU A 34 11.99 -7.85 -6.96
CA LEU A 34 13.21 -7.10 -6.76
C LEU A 34 13.73 -6.66 -8.12
N ILE A 35 13.66 -5.36 -8.43
CA ILE A 35 13.76 -4.85 -9.80
C ILE A 35 14.51 -3.51 -9.94
N PRO A 36 14.99 -3.20 -11.16
CA PRO A 36 15.44 -1.84 -11.45
C PRO A 36 14.26 -0.89 -11.63
N PHE A 37 14.50 0.41 -11.48
CA PHE A 37 13.42 1.38 -11.47
C PHE A 37 12.60 1.38 -12.77
N HIS A 38 13.25 1.27 -13.92
CA HIS A 38 12.53 1.44 -15.18
C HIS A 38 11.44 0.37 -15.36
N GLU A 39 11.54 -0.74 -14.63
CA GLU A 39 10.49 -1.77 -14.64
C GLU A 39 9.36 -1.55 -13.63
N MET A 40 9.31 -0.39 -12.98
CA MET A 40 8.32 -0.17 -11.93
C MET A 40 6.85 -0.31 -12.40
N LYS A 41 6.46 0.44 -13.43
CA LYS A 41 5.09 0.36 -13.94
C LYS A 41 4.71 -1.06 -14.31
N HIS A 42 5.58 -1.75 -15.04
CA HIS A 42 5.28 -3.09 -15.49
C HIS A 42 5.13 -4.04 -14.31
N THR A 43 6.04 -3.91 -13.36
CA THR A 43 5.94 -4.74 -12.14
C THR A 43 4.70 -4.45 -11.31
N VAL A 44 4.35 -3.18 -11.13
CA VAL A 44 3.23 -2.83 -10.23
C VAL A 44 1.94 -3.35 -10.82
N ASN A 45 1.79 -3.19 -12.13
CA ASN A 45 0.68 -3.77 -12.85
C ASN A 45 0.59 -5.29 -12.84
N ALA A 46 1.74 -5.96 -12.94
CA ALA A 46 1.75 -7.41 -12.86
C ALA A 46 1.28 -7.88 -11.48
N LEU A 47 1.76 -7.23 -10.44
CA LEU A 47 1.31 -7.57 -9.08
C LEU A 47 -0.16 -7.25 -8.88
N LEU A 48 -0.62 -6.16 -9.48
CA LEU A 48 -2.03 -5.80 -9.38
C LEU A 48 -2.88 -6.89 -10.01
N GLU A 49 -2.53 -7.24 -11.24
CA GLU A 49 -3.30 -8.17 -12.02
C GLU A 49 -3.32 -9.53 -11.32
N LYS A 50 -2.20 -9.90 -10.73
CA LYS A 50 -2.10 -11.12 -9.98
C LYS A 50 -3.07 -11.15 -8.78
N GLY A 51 -3.15 -10.05 -8.05
CA GLY A 51 -4.07 -9.95 -6.91
C GLY A 51 -5.53 -10.00 -7.29
N LEU A 52 -5.91 -9.36 -8.40
CA LEU A 52 -7.32 -9.26 -8.78
C LEU A 52 -7.96 -10.63 -9.10
N SER A 53 -7.27 -11.44 -9.90
CA SER A 53 -7.79 -12.74 -10.33
C SER A 53 -6.97 -13.87 -9.74
N HIS A 54 -7.35 -14.29 -8.53
CA HIS A 54 -6.82 -15.47 -7.87
C HIS A 54 -8.02 -16.42 -7.63
N SER A 55 -7.76 -17.73 -7.57
CA SER A 55 -8.82 -18.72 -7.40
C SER A 55 -9.38 -18.74 -5.97
N ARG A 56 -8.69 -18.07 -5.05
CA ARG A 56 -9.15 -17.98 -3.68
C ARG A 56 -10.17 -16.84 -3.55
N GLY A 57 -10.36 -16.08 -4.62
CA GLY A 57 -11.38 -15.03 -4.66
C GLY A 57 -10.86 -13.67 -5.11
N LYS A 58 -11.78 -12.79 -5.48
CA LYS A 58 -11.48 -11.39 -5.66
C LYS A 58 -11.43 -10.65 -4.30
N PRO A 59 -10.40 -9.80 -4.09
CA PRO A 59 -10.10 -9.23 -2.78
C PRO A 59 -10.81 -7.93 -2.51
N ASP A 60 -11.08 -7.66 -1.23
CA ASP A 60 -11.60 -6.39 -0.81
C ASP A 60 -10.51 -5.52 -0.15
N PHE A 61 -9.29 -6.02 -0.15
CA PHE A 61 -8.19 -5.23 0.31
C PHE A 61 -6.94 -5.60 -0.45
N MET A 62 -6.16 -4.60 -0.84
CA MET A 62 -4.88 -4.86 -1.46
C MET A 62 -3.92 -3.71 -1.20
N GLN A 63 -2.66 -4.08 -1.04
CA GLN A 63 -1.61 -3.14 -0.83
C GLN A 63 -0.43 -3.48 -1.70
N ILE A 64 0.10 -2.46 -2.37
CA ILE A 64 1.29 -2.56 -3.19
C ILE A 64 2.25 -1.47 -2.73
N GLN A 65 3.54 -1.78 -2.72
CA GLN A 65 4.45 -0.98 -1.97
C GLN A 65 5.84 -1.18 -2.53
N PHE A 66 6.57 -0.09 -2.77
CA PHE A 66 7.97 -0.22 -3.22
C PHE A 66 8.94 0.61 -2.38
N GLU A 67 10.16 0.08 -2.22
CA GLU A 67 11.22 0.82 -1.58
C GLU A 67 12.59 0.55 -2.21
N GLU A 68 13.35 1.60 -2.41
CA GLU A 68 14.74 1.45 -2.72
C GLU A 68 15.45 0.57 -1.69
N VAL A 69 16.25 -0.35 -2.21
CA VAL A 69 17.12 -1.22 -1.43
C VAL A 69 18.53 -0.64 -1.34
N HIS A 70 19.08 -0.54 -0.14
CA HIS A 70 20.41 0.02 0.03
C HIS A 70 21.51 -1.04 0.20
N GLU A 71 21.15 -2.20 0.70
CA GLU A 71 22.09 -3.33 0.84
C GLU A 71 22.51 -3.76 -0.55
N SER A 72 23.70 -4.30 -0.69
CA SER A 72 24.12 -4.79 -2.00
C SER A 72 23.51 -6.18 -2.23
N ILE A 73 23.43 -6.55 -3.50
CA ILE A 73 22.62 -7.66 -3.93
C ILE A 73 23.51 -8.86 -4.14
N LYS A 74 23.11 -10.01 -3.64
CA LYS A 74 23.88 -11.23 -3.93
C LYS A 74 23.13 -12.10 -4.93
N THR A 75 23.84 -12.50 -5.98
CA THR A 75 23.30 -13.41 -6.96
C THR A 75 23.72 -14.80 -6.58
N ILE A 76 22.77 -15.73 -6.67
CA ILE A 76 23.01 -17.17 -6.42
C ILE A 76 22.29 -18.04 -7.44
N GLN A 77 22.76 -19.29 -7.49
CA GLN A 77 22.10 -20.37 -8.21
C GLN A 77 20.84 -20.80 -7.51
N PRO A 78 19.88 -21.31 -8.29
CA PRO A 78 18.75 -21.98 -7.61
C PRO A 78 19.16 -23.31 -7.01
N LEU A 79 18.51 -23.75 -5.94
CA LEU A 79 18.64 -25.13 -5.48
C LEU A 79 18.48 -26.10 -6.65
N PRO A 80 19.24 -27.18 -6.64
CA PRO A 80 18.97 -28.31 -7.54
C PRO A 80 17.56 -28.82 -7.29
N VAL A 81 16.91 -29.29 -8.34
CA VAL A 81 15.53 -29.71 -8.28
C VAL A 81 15.40 -31.20 -8.57
N HIS A 82 14.59 -31.89 -7.80
CA HIS A 82 14.12 -33.22 -8.14
C HIS A 82 12.61 -33.31 -7.87
N THR A 83 11.88 -33.95 -8.78
CA THR A 83 10.43 -34.09 -8.68
C THR A 83 10.06 -35.51 -8.26
N ASN A 84 9.34 -35.65 -7.15
CA ASN A 84 8.87 -36.95 -6.70
C ASN A 84 7.41 -37.19 -7.09
N GLU A 85 7.17 -38.15 -7.98
CA GLU A 85 5.82 -38.53 -8.37
C GLU A 85 5.20 -39.37 -7.27
N VAL A 86 4.04 -38.98 -6.75
CA VAL A 86 3.33 -39.79 -5.77
C VAL A 86 1.90 -39.92 -6.22
N SER A 87 1.17 -40.87 -5.65
CA SER A 87 -0.17 -41.17 -6.10
C SER A 87 -1.22 -40.51 -5.21
N CYS A 88 -0.83 -39.99 -4.06
CA CYS A 88 -1.80 -39.40 -3.14
C CYS A 88 -1.15 -38.55 -2.06
N PRO A 89 -1.89 -37.58 -1.52
CA PRO A 89 -1.42 -36.70 -0.45
C PRO A 89 -0.75 -37.42 0.72
N GLU A 90 -1.35 -38.53 1.17
CA GLU A 90 -0.83 -39.23 2.34
C GLU A 90 0.56 -39.78 2.06
N GLU A 91 0.76 -40.26 0.83
CA GLU A 91 2.07 -40.75 0.42
C GLU A 91 3.03 -39.60 0.31
N GLY A 92 2.55 -38.51 -0.24
CA GLY A 92 3.34 -37.28 -0.35
C GLY A 92 3.88 -36.80 0.97
N GLN A 93 3.02 -36.77 1.97
CA GLN A 93 3.39 -36.25 3.29
C GLN A 93 4.37 -37.18 3.98
N LYS A 94 4.14 -38.49 3.85
CA LYS A 94 5.08 -39.44 4.40
C LYS A 94 6.46 -39.24 3.81
N LEU A 95 6.54 -39.11 2.49
CA LEU A 95 7.82 -38.83 1.85
C LEU A 95 8.43 -37.51 2.34
N ALA A 96 7.62 -36.48 2.44
CA ALA A 96 8.07 -35.22 3.00
C ALA A 96 8.71 -35.42 4.38
N ARG A 97 8.02 -36.12 5.27
CA ARG A 97 8.53 -36.34 6.64
C ARG A 97 9.83 -37.12 6.61
N LEU A 98 9.97 -37.99 5.63
CA LEU A 98 11.18 -38.76 5.47
C LEU A 98 12.30 -37.84 5.03
N LEU A 99 12.03 -36.96 4.08
CA LEU A 99 13.07 -36.07 3.54
C LEU A 99 13.51 -35.02 4.56
N LEU A 100 12.59 -34.55 5.38
CA LEU A 100 12.97 -33.65 6.46
C LEU A 100 13.91 -34.34 7.45
N GLU A 101 13.67 -35.60 7.75
CA GLU A 101 14.56 -36.34 8.63
C GLU A 101 15.93 -36.57 7.96
N LYS A 102 15.92 -36.86 6.67
CA LYS A 102 17.14 -37.04 5.87
C LYS A 102 17.99 -35.78 5.85
N GLU A 103 17.33 -34.65 5.87
CA GLU A 103 18.04 -33.40 5.84
C GLU A 103 18.56 -33.01 7.22
N GLY A 104 18.04 -33.62 8.28
CA GLY A 104 18.59 -33.43 9.61
C GLY A 104 17.59 -33.01 10.69
N VAL A 105 16.32 -32.90 10.37
CA VAL A 105 15.34 -32.67 11.41
C VAL A 105 14.96 -33.99 12.09
N SER A 106 14.96 -33.97 13.42
CA SER A 106 14.66 -35.18 14.17
C SER A 106 13.18 -35.52 14.00
N ARG A 107 12.90 -36.82 13.99
CA ARG A 107 11.53 -37.29 13.85
C ARG A 107 10.61 -36.59 14.85
N ASP A 108 11.12 -36.38 16.04
CA ASP A 108 10.29 -35.88 17.14
C ASP A 108 9.92 -34.40 16.95
N VAL A 109 10.82 -33.64 16.33
CA VAL A 109 10.56 -32.25 16.03
C VAL A 109 9.62 -32.14 14.84
N ILE A 110 9.77 -33.04 13.89
CA ILE A 110 8.82 -33.15 12.79
C ILE A 110 7.41 -33.38 13.32
N GLU A 111 7.26 -34.35 14.21
CA GLU A 111 5.93 -34.72 14.71
C GLU A 111 5.26 -33.54 15.41
N LYS A 112 6.04 -32.78 16.17
CA LYS A 112 5.48 -31.64 16.88
C LYS A 112 5.07 -30.51 15.95
N ALA A 113 5.85 -30.32 14.88
CA ALA A 113 5.47 -29.36 13.88
C ALA A 113 4.15 -29.75 13.23
N TYR A 114 3.99 -31.02 12.87
CA TYR A 114 2.79 -31.47 12.15
C TYR A 114 1.55 -31.39 13.03
N GLU A 115 1.73 -31.54 14.34
CA GLU A 115 0.65 -31.31 15.27
C GLU A 115 0.16 -29.88 15.25
N GLN A 116 1.00 -28.96 14.80
CA GLN A 116 0.65 -27.56 14.87
C GLN A 116 0.27 -26.99 13.51
N ILE A 117 0.61 -27.69 12.44
CA ILE A 117 0.38 -27.15 11.10
C ILE A 117 -1.10 -26.73 10.88
N PRO A 118 -2.04 -27.53 11.38
CA PRO A 118 -3.45 -27.16 11.20
C PRO A 118 -3.80 -25.81 11.80
N GLU A 119 -3.24 -25.51 12.98
CA GLU A 119 -3.39 -24.19 13.60
C GLU A 119 -2.65 -23.07 12.87
N TRP A 120 -1.72 -23.39 11.98
CA TRP A 120 -0.99 -22.33 11.28
C TRP A 120 -1.63 -21.99 9.98
N SER A 121 -2.72 -22.66 9.64
CA SER A 121 -3.29 -22.49 8.30
C SER A 121 -3.62 -21.03 8.05
N ASP A 122 -3.86 -20.29 9.13
CA ASP A 122 -4.25 -18.87 9.05
C ASP A 122 -3.10 -17.87 9.01
N VAL A 123 -1.89 -18.36 9.22
CA VAL A 123 -0.73 -17.49 9.30
C VAL A 123 -0.35 -17.01 7.92
N ARG A 124 -0.24 -15.70 7.76
CA ARG A 124 -0.12 -15.09 6.43
C ARG A 124 1.35 -14.93 6.00
N GLY A 125 2.14 -15.97 6.16
CA GLY A 125 3.58 -15.83 6.12
C GLY A 125 4.16 -17.12 6.64
N ALA A 126 5.48 -17.16 6.81
CA ALA A 126 6.14 -18.39 7.13
C ALA A 126 6.14 -18.56 8.63
N VAL A 127 6.13 -19.81 9.07
CA VAL A 127 6.35 -20.10 10.48
C VAL A 127 7.77 -20.61 10.69
N LEU A 128 8.39 -20.16 11.78
CA LEU A 128 9.71 -20.59 12.18
C LEU A 128 9.60 -21.54 13.34
N PHE A 129 10.25 -22.68 13.22
CA PHE A 129 10.12 -23.73 14.19
C PHE A 129 11.50 -24.09 14.71
N ASP A 130 11.70 -23.87 16.00
CA ASP A 130 13.00 -24.07 16.61
C ASP A 130 13.25 -25.53 16.92
N ILE A 131 14.26 -26.12 16.31
CA ILE A 131 14.53 -27.53 16.60
C ILE A 131 15.06 -27.71 18.05
N HIS A 132 15.45 -26.63 18.72
CA HIS A 132 15.98 -26.73 20.06
C HIS A 132 14.84 -26.82 21.05
N THR A 133 13.75 -26.09 20.81
CA THR A 133 12.62 -26.03 21.74
C THR A 133 11.52 -27.00 21.36
N GLY A 134 11.51 -27.48 20.13
CA GLY A 134 10.39 -28.29 19.66
C GLY A 134 9.12 -27.48 19.54
N LYS A 135 9.27 -26.17 19.34
CA LYS A 135 8.17 -25.23 19.42
C LYS A 135 8.39 -24.08 18.45
N ARG A 136 7.31 -23.42 18.09
CA ARG A 136 7.39 -22.25 17.23
C ARG A 136 8.30 -21.19 17.80
N MET A 137 9.15 -20.63 16.96
CA MET A 137 10.24 -19.76 17.38
C MET A 137 9.89 -18.29 17.20
N ASP A 138 9.20 -17.97 16.11
CA ASP A 138 8.81 -16.58 15.87
C ASP A 138 7.57 -16.19 16.65
N GLN A 139 7.41 -14.89 16.87
CA GLN A 139 6.31 -14.37 17.68
C GLN A 139 5.37 -13.49 16.84
N THR A 140 5.25 -13.81 15.56
CA THR A 140 4.46 -13.02 14.60
C THR A 140 3.02 -13.51 14.57
N LYS A 141 2.77 -14.61 15.25
CA LYS A 141 1.43 -15.18 15.30
C LYS A 141 0.81 -15.31 13.89
N GLU A 142 -0.33 -14.67 13.67
CA GLU A 142 -1.09 -14.86 12.44
C GLU A 142 -0.50 -14.06 11.24
N LYS A 143 0.39 -13.12 11.55
CA LYS A 143 1.06 -12.35 10.52
C LYS A 143 2.02 -13.21 9.72
N GLY A 144 2.79 -14.04 10.40
CA GLY A 144 3.79 -14.87 9.72
C GLY A 144 5.03 -14.07 9.38
N VAL A 145 6.15 -14.74 9.31
CA VAL A 145 7.41 -14.11 8.89
C VAL A 145 7.44 -13.97 7.38
N ARG A 146 7.89 -12.83 6.85
CA ARG A 146 7.73 -12.44 5.46
C ARG A 146 9.08 -12.51 4.76
N VAL A 147 9.26 -13.43 3.84
CA VAL A 147 10.51 -13.44 3.12
C VAL A 147 10.44 -12.55 1.91
N SER A 148 11.38 -11.64 1.79
CA SER A 148 11.24 -10.62 0.74
C SER A 148 12.57 -10.25 0.11
N ARG A 149 12.49 -9.36 -0.87
CA ARG A 149 13.64 -8.92 -1.62
C ARG A 149 14.36 -10.08 -2.26
N MET A 150 13.61 -10.97 -2.89
CA MET A 150 14.19 -11.96 -3.78
C MET A 150 13.43 -11.98 -5.06
N ASP A 151 14.09 -12.33 -6.16
CA ASP A 151 13.45 -12.40 -7.46
C ASP A 151 14.34 -13.20 -8.45
N TRP A 152 13.81 -13.45 -9.65
CA TRP A 152 14.46 -14.30 -10.66
C TRP A 152 14.05 -13.78 -12.02
N PRO A 153 14.93 -13.04 -12.68
CA PRO A 153 14.61 -12.63 -14.05
C PRO A 153 13.95 -13.75 -14.87
N ASP A 154 12.85 -13.41 -15.53
CA ASP A 154 12.08 -14.40 -16.29
C ASP A 154 12.90 -15.14 -17.33
N ALA A 155 13.69 -14.39 -18.08
CA ALA A 155 14.39 -14.99 -19.24
C ALA A 155 15.33 -16.06 -18.71
N ASN A 156 16.10 -15.71 -17.67
CA ASN A 156 16.97 -16.70 -17.06
C ASN A 156 16.16 -17.88 -16.53
N PHE A 157 15.01 -17.59 -15.93
CA PHE A 157 14.19 -18.65 -15.34
C PHE A 157 13.65 -19.61 -16.38
N GLU A 158 13.24 -19.08 -17.54
CA GLU A 158 12.67 -19.92 -18.62
C GLU A 158 13.71 -20.85 -19.25
N LYS A 159 14.90 -20.32 -19.52
CA LYS A 159 16.04 -21.17 -19.84
C LYS A 159 16.23 -22.27 -18.79
N TRP A 160 16.08 -21.94 -17.50
CA TRP A 160 16.31 -22.95 -16.46
C TRP A 160 15.25 -24.04 -16.56
N ALA A 161 14.02 -23.62 -16.84
CA ALA A 161 12.89 -24.54 -16.94
C ALA A 161 13.07 -25.47 -18.16
N LEU A 162 13.55 -24.89 -19.25
CA LEU A 162 13.67 -25.63 -20.51
C LEU A 162 14.70 -26.74 -20.35
N HIS A 163 15.88 -26.37 -19.84
CA HIS A 163 16.90 -27.33 -19.47
C HIS A 163 16.45 -28.36 -18.42
N SER A 164 15.68 -27.95 -17.41
CA SER A 164 15.34 -28.85 -16.29
C SER A 164 14.15 -29.74 -16.64
N HIS A 165 13.58 -29.55 -17.83
CA HIS A 165 12.27 -30.12 -18.14
C HIS A 165 11.29 -29.89 -16.97
N VAL A 166 11.12 -28.64 -16.55
CA VAL A 166 10.09 -28.29 -15.53
C VAL A 166 9.24 -27.13 -16.04
N PRO A 167 7.91 -27.16 -15.80
CA PRO A 167 7.07 -26.13 -16.45
C PRO A 167 7.41 -24.70 -16.03
N ALA A 168 7.47 -23.79 -16.98
CA ALA A 168 7.91 -22.41 -16.73
C ALA A 168 6.79 -21.61 -16.10
N HIS A 169 6.23 -22.12 -15.00
CA HIS A 169 5.18 -21.42 -14.30
C HIS A 169 5.79 -20.47 -13.29
N SER A 170 5.26 -19.26 -13.30
CA SER A 170 5.80 -18.23 -12.46
C SER A 170 5.73 -18.64 -10.96
N ARG A 171 4.78 -19.49 -10.58
CA ARG A 171 4.64 -19.85 -9.17
C ARG A 171 5.74 -20.82 -8.74
N ILE A 172 6.26 -21.60 -9.69
CA ILE A 172 7.46 -22.38 -9.43
C ILE A 172 8.67 -21.46 -9.34
N LYS A 173 8.74 -20.47 -10.20
CA LYS A 173 9.85 -19.54 -10.15
C LYS A 173 9.88 -18.83 -8.80
N GLU A 174 8.74 -18.33 -8.40
CA GLU A 174 8.62 -17.65 -7.12
C GLU A 174 8.99 -18.58 -5.96
N ALA A 175 8.56 -19.83 -5.99
CA ALA A 175 8.73 -20.70 -4.84
C ALA A 175 10.17 -21.13 -4.72
N LEU A 176 10.78 -21.40 -5.87
CA LEU A 176 12.17 -21.82 -5.90
C LEU A 176 13.13 -20.66 -5.56
N ALA A 177 12.83 -19.44 -6.01
CA ALA A 177 13.58 -18.26 -5.52
C ALA A 177 13.50 -18.11 -3.97
N LEU A 178 12.30 -18.20 -3.42
CA LEU A 178 12.16 -18.10 -1.96
C LEU A 178 12.94 -19.24 -1.29
N ALA A 179 12.79 -20.44 -1.83
CA ALA A 179 13.38 -21.61 -1.19
C ALA A 179 14.88 -21.54 -1.28
N SER A 180 15.41 -20.98 -2.36
CA SER A 180 16.84 -20.90 -2.51
C SER A 180 17.41 -19.85 -1.61
N LYS A 181 16.73 -18.71 -1.48
CA LYS A 181 17.17 -17.69 -0.54
C LYS A 181 17.19 -18.26 0.86
N VAL A 182 16.13 -18.98 1.21
CA VAL A 182 15.92 -19.36 2.57
C VAL A 182 16.91 -20.42 3.00
N SER A 183 17.02 -21.48 2.22
CA SER A 183 18.02 -22.54 2.47
C SER A 183 19.47 -22.07 2.57
N ARG A 184 19.77 -20.94 1.95
CA ARG A 184 21.13 -20.41 2.02
C ARG A 184 21.46 -19.87 3.41
N HIS A 185 20.44 -19.51 4.16
CA HIS A 185 20.65 -18.97 5.49
C HIS A 185 21.25 -20.05 6.37
N PRO A 186 22.35 -19.75 7.06
CA PRO A 186 23.08 -20.84 7.71
C PRO A 186 22.30 -21.51 8.84
N ALA A 187 21.31 -20.84 9.40
CA ALA A 187 20.53 -21.40 10.52
C ALA A 187 19.30 -22.17 10.03
N VAL A 188 19.06 -22.23 8.73
CA VAL A 188 17.88 -22.94 8.24
C VAL A 188 18.21 -24.37 7.77
N VAL A 189 17.67 -25.36 8.46
CA VAL A 189 17.95 -26.75 8.17
C VAL A 189 17.06 -27.23 7.04
N ALA A 190 15.80 -26.83 7.03
CA ALA A 190 14.86 -27.31 6.02
C ALA A 190 13.61 -26.46 5.94
N GLU A 191 12.91 -26.57 4.82
CA GLU A 191 11.65 -25.88 4.66
C GLU A 191 10.64 -26.89 4.18
N LEU A 192 9.42 -26.78 4.69
CA LEU A 192 8.32 -27.64 4.28
C LEU A 192 7.21 -26.73 3.79
N CYS A 193 6.65 -27.04 2.63
CA CYS A 193 5.75 -26.10 1.99
C CYS A 193 4.74 -26.81 1.12
N TRP A 194 3.49 -26.43 1.24
CA TRP A 194 2.56 -26.65 0.18
C TRP A 194 1.55 -25.52 0.13
N SER A 195 0.81 -25.48 -0.98
CA SER A 195 0.04 -24.31 -1.35
C SER A 195 -1.28 -24.20 -0.58
N ASP A 196 -1.76 -22.96 -0.45
CA ASP A 196 -3.06 -22.72 0.15
C ASP A 196 -4.12 -22.59 -0.94
N ASP A 197 -3.67 -22.58 -2.19
CA ASP A 197 -4.55 -22.61 -3.36
C ASP A 197 -5.27 -23.96 -3.48
N PRO A 198 -6.62 -23.94 -3.50
CA PRO A 198 -7.39 -25.18 -3.64
C PRO A 198 -7.08 -25.97 -4.92
N ASP A 199 -6.48 -25.31 -5.91
CA ASP A 199 -6.32 -25.88 -7.24
C ASP A 199 -4.90 -26.34 -7.54
N TYR A 200 -4.03 -26.33 -6.56
CA TYR A 200 -2.64 -26.68 -6.78
C TYR A 200 -2.17 -27.54 -5.61
N ILE A 201 -1.81 -28.79 -5.87
CA ILE A 201 -1.57 -29.73 -4.77
C ILE A 201 -0.11 -30.13 -4.63
N THR A 202 0.73 -29.68 -5.56
CA THR A 202 2.16 -29.93 -5.50
C THR A 202 2.75 -29.03 -4.43
N GLY A 203 3.68 -29.60 -3.65
CA GLY A 203 4.46 -28.87 -2.66
C GLY A 203 5.91 -29.29 -2.69
N TYR A 204 6.65 -28.97 -1.66
CA TYR A 204 8.05 -29.36 -1.63
C TYR A 204 8.58 -29.40 -0.24
N VAL A 205 9.68 -30.13 -0.08
CA VAL A 205 10.63 -29.94 1.00
C VAL A 205 11.96 -29.49 0.37
N ALA A 206 12.62 -28.53 1.02
CA ALA A 206 13.86 -27.94 0.49
C ALA A 206 14.91 -27.91 1.59
N GLY A 207 16.17 -28.14 1.21
CA GLY A 207 17.24 -28.19 2.19
C GLY A 207 18.56 -28.13 1.50
N LYS A 208 19.62 -27.95 2.29
CA LYS A 208 20.94 -27.75 1.72
C LYS A 208 21.46 -28.98 0.98
N LYS A 209 21.16 -30.17 1.49
CA LYS A 209 21.69 -31.39 0.91
C LYS A 209 20.84 -32.02 -0.17
N MET A 210 19.54 -32.02 0.05
CA MET A 210 18.60 -32.59 -0.90
C MET A 210 18.13 -31.61 -1.97
N GLY A 211 18.45 -30.33 -1.84
CA GLY A 211 17.90 -29.30 -2.72
C GLY A 211 16.40 -29.11 -2.62
N TYR A 212 15.80 -28.74 -3.73
CA TYR A 212 14.38 -28.48 -3.81
C TYR A 212 13.66 -29.75 -4.28
N GLN A 213 12.94 -30.40 -3.36
CA GLN A 213 12.30 -31.67 -3.64
C GLN A 213 10.79 -31.53 -3.84
N ARG A 214 10.37 -31.52 -5.10
CA ARG A 214 8.96 -31.33 -5.38
C ARG A 214 8.23 -32.64 -5.15
N ILE A 215 7.05 -32.53 -4.56
CA ILE A 215 6.25 -33.70 -4.22
C ILE A 215 4.87 -33.45 -4.81
N THR A 216 4.49 -34.23 -5.81
CA THR A 216 3.39 -33.86 -6.70
C THR A 216 2.00 -33.88 -6.06
N ALA A 217 1.87 -34.45 -4.87
CA ALA A 217 0.62 -34.37 -4.13
C ALA A 217 0.86 -34.22 -2.65
N MET A 218 0.46 -33.08 -2.09
CA MET A 218 0.67 -32.80 -0.68
C MET A 218 -0.64 -32.54 0.08
N LYS A 219 -1.75 -32.47 -0.66
CA LYS A 219 -3.08 -32.34 -0.09
C LYS A 219 -4.08 -32.71 -1.17
N GLU A 220 -5.36 -32.74 -0.78
CA GLU A 220 -6.47 -32.96 -1.73
C GLU A 220 -6.82 -31.68 -2.48
N TYR A 221 -7.30 -31.85 -3.71
CA TYR A 221 -7.91 -30.76 -4.42
C TYR A 221 -9.05 -30.21 -3.59
N GLY A 222 -9.19 -28.89 -3.60
CA GLY A 222 -10.34 -28.25 -2.98
C GLY A 222 -10.09 -27.80 -1.55
N THR A 223 -9.04 -28.29 -0.91
CA THR A 223 -8.74 -27.86 0.45
C THR A 223 -7.86 -26.63 0.39
N GLU A 224 -8.01 -25.76 1.39
CA GLU A 224 -7.38 -24.46 1.35
C GLU A 224 -6.26 -24.29 2.37
N GLU A 225 -6.09 -25.27 3.26
CA GLU A 225 -4.98 -25.24 4.21
C GLU A 225 -3.69 -25.50 3.45
N GLY A 226 -2.80 -24.52 3.49
CA GLY A 226 -1.44 -24.68 2.98
C GLY A 226 -0.49 -24.60 4.16
N CYS A 227 0.80 -24.53 3.86
CA CYS A 227 1.82 -24.59 4.90
C CYS A 227 3.12 -24.03 4.40
N ARG A 228 3.79 -23.26 5.23
CA ARG A 228 5.20 -22.94 5.01
C ARG A 228 5.96 -22.79 6.32
N VAL A 229 6.93 -23.68 6.52
CA VAL A 229 7.61 -23.79 7.82
C VAL A 229 9.10 -23.93 7.58
N PHE A 230 9.89 -23.12 8.30
CA PHE A 230 11.33 -23.22 8.27
C PHE A 230 11.80 -23.79 9.57
N PHE A 231 12.58 -24.88 9.52
CA PHE A 231 13.13 -25.47 10.72
C PHE A 231 14.49 -24.88 11.01
N ILE A 232 14.62 -24.28 12.19
CA ILE A 232 15.74 -23.41 12.53
C ILE A 232 16.68 -24.07 13.53
N ASP A 233 17.97 -24.09 13.19
CA ASP A 233 19.04 -24.54 14.09
C ASP A 233 20.17 -23.50 14.13
N GLY A 234 20.06 -22.57 15.06
CA GLY A 234 20.84 -21.36 14.99
C GLY A 234 21.33 -21.09 16.37
N SER A 235 22.16 -20.08 16.50
CA SER A 235 22.66 -19.71 17.78
C SER A 235 22.22 -18.30 18.12
N ASN A 236 21.44 -17.67 17.23
CA ASN A 236 21.05 -16.27 17.40
C ASN A 236 19.56 -16.10 17.77
N ASP A 237 19.18 -14.90 18.19
CA ASP A 237 17.79 -14.64 18.53
C ASP A 237 17.02 -14.70 17.23
N VAL A 238 15.73 -14.89 17.38
CA VAL A 238 14.86 -15.06 16.25
C VAL A 238 14.69 -13.77 15.45
N ASN A 239 14.73 -12.61 16.11
CA ASN A 239 14.59 -11.34 15.39
C ASN A 239 15.70 -11.07 14.36
N THR A 240 16.91 -11.51 14.70
CA THR A 240 18.02 -11.36 13.78
C THR A 240 17.65 -12.15 12.53
N TYR A 241 17.18 -13.38 12.73
CA TYR A 241 16.87 -14.24 11.63
C TYR A 241 15.72 -13.70 10.79
N ILE A 242 14.74 -13.12 11.46
CA ILE A 242 13.62 -12.50 10.79
C ILE A 242 14.11 -11.34 9.92
N HIS A 243 14.97 -10.52 10.50
CA HIS A 243 15.59 -9.44 9.77
C HIS A 243 16.40 -9.94 8.52
N ASP A 244 17.23 -10.96 8.68
CA ASP A 244 17.89 -11.52 7.50
C ASP A 244 16.89 -11.87 6.42
N LEU A 245 15.80 -12.54 6.82
CA LEU A 245 14.83 -13.04 5.87
C LEU A 245 14.09 -11.92 5.14
N GLU A 246 13.92 -10.81 5.83
CA GLU A 246 13.23 -9.69 5.22
C GLU A 246 14.17 -8.83 4.41
N LYS A 247 15.43 -8.71 4.82
CA LYS A 247 16.29 -7.65 4.30
C LYS A 247 17.36 -8.10 3.31
N GLN A 248 17.78 -9.36 3.37
CA GLN A 248 18.88 -9.78 2.49
C GLN A 248 18.43 -9.86 1.05
N PRO A 249 18.96 -8.99 0.18
CA PRO A 249 18.49 -9.02 -1.18
C PRO A 249 19.17 -10.11 -1.99
N ILE A 250 18.38 -10.89 -2.73
CA ILE A 250 18.86 -12.06 -3.44
C ILE A 250 18.29 -12.09 -4.88
N LEU A 251 19.15 -12.24 -5.87
CA LEU A 251 18.70 -12.55 -7.22
C LEU A 251 19.16 -13.94 -7.62
N ILE A 252 18.28 -14.68 -8.27
CA ILE A 252 18.65 -15.98 -8.80
C ILE A 252 19.13 -15.77 -10.22
N GLU A 253 20.37 -16.16 -10.48
CA GLU A 253 20.82 -16.44 -11.85
C GLU A 253 21.35 -17.85 -12.04
N TRP A 254 20.64 -18.62 -12.85
CA TRP A 254 21.08 -19.97 -13.14
C TRP A 254 22.14 -19.91 -14.20
N GLU A 255 23.19 -20.72 -14.01
CA GLU A 255 24.16 -21.04 -15.08
C GLU A 255 24.34 -22.54 -15.18
N GLU A 256 24.09 -23.07 -16.37
CA GLU A 256 24.38 -24.47 -16.64
C GLU A 256 25.83 -24.81 -16.31
N ASP A 257 26.06 -26.09 -16.00
CA ASP A 257 27.42 -26.69 -15.98
C ASP A 257 27.62 -27.70 -17.10
N GLU B 5 -27.26 -0.52 -5.03
CA GLU B 5 -26.14 -0.31 -4.07
C GLU B 5 -24.82 -0.86 -4.66
N GLU B 6 -24.27 -0.15 -5.65
CA GLU B 6 -22.99 -0.53 -6.28
C GLU B 6 -21.82 -0.37 -5.32
N THR B 7 -20.80 -1.24 -5.41
CA THR B 7 -19.67 -1.23 -4.48
C THR B 7 -18.54 -0.30 -4.91
N PHE B 8 -18.02 0.46 -3.96
CA PHE B 8 -16.91 1.30 -4.19
C PHE B 8 -15.71 0.97 -3.34
N TYR B 9 -14.56 1.39 -3.84
CA TYR B 9 -13.29 1.11 -3.21
C TYR B 9 -12.53 2.38 -2.97
N SER B 10 -12.04 2.52 -1.74
CA SER B 10 -11.17 3.61 -1.39
C SER B 10 -9.81 3.26 -1.88
N VAL B 11 -9.20 4.15 -2.63
CA VAL B 11 -7.84 3.88 -3.19
C VAL B 11 -6.95 5.01 -2.78
N ARG B 12 -5.89 4.65 -2.07
CA ARG B 12 -4.99 5.66 -1.49
C ARG B 12 -3.53 5.49 -1.93
N MET B 13 -2.80 6.59 -2.01
CA MET B 13 -1.38 6.57 -2.33
C MET B 13 -0.58 7.52 -1.44
N ARG B 14 0.57 7.09 -0.95
CA ARG B 14 1.53 7.95 -0.30
C ARG B 14 2.92 7.70 -0.97
N ALA B 15 3.73 8.76 -1.07
CA ALA B 15 5.07 8.69 -1.62
C ALA B 15 5.96 9.64 -0.85
N SER B 16 7.18 9.22 -0.61
CA SER B 16 8.13 10.07 0.06
C SER B 16 9.54 9.74 -0.40
N MET B 17 10.48 10.57 0.03
CA MET B 17 11.87 10.29 -0.22
C MET B 17 12.69 10.49 1.05
N ASN B 18 13.80 9.74 1.14
CA ASN B 18 14.58 9.52 2.38
C ASN B 18 13.82 9.71 3.70
N LYS B 26 11.18 13.27 3.71
CA LYS B 26 10.40 14.29 3.03
C LYS B 26 9.20 13.76 2.27
N HIS B 27 8.04 14.33 2.53
CA HIS B 27 6.83 13.92 1.84
C HIS B 27 6.88 14.39 0.40
N ILE B 28 6.25 13.64 -0.49
CA ILE B 28 6.27 14.00 -1.89
C ILE B 28 4.86 14.23 -2.38
N SER B 29 4.03 13.22 -2.22
CA SER B 29 2.78 13.23 -2.91
C SER B 29 1.79 12.27 -2.30
N GLY B 30 0.53 12.45 -2.65
CA GLY B 30 -0.55 11.64 -2.07
C GLY B 30 -1.82 11.76 -2.87
N GLY B 31 -2.64 10.74 -2.81
CA GLY B 31 -3.88 10.77 -3.52
C GLY B 31 -4.94 10.02 -2.74
N GLU B 32 -6.18 10.49 -2.86
CA GLU B 32 -7.31 9.73 -2.44
C GLU B 32 -8.24 9.58 -3.58
N ARG B 33 -8.82 8.40 -3.71
CA ARG B 33 -9.84 8.18 -4.69
C ARG B 33 -10.91 7.25 -4.15
N LEU B 34 -12.05 7.26 -4.79
CA LEU B 34 -13.19 6.48 -4.39
C LEU B 34 -13.95 6.01 -5.60
N ILE B 35 -13.83 4.74 -5.96
CA ILE B 35 -14.18 4.30 -7.29
C ILE B 35 -14.92 2.97 -7.34
N PRO B 36 -15.65 2.72 -8.43
CA PRO B 36 -16.10 1.37 -8.70
C PRO B 36 -14.94 0.46 -9.12
N PHE B 37 -15.12 -0.83 -8.94
CA PHE B 37 -14.05 -1.76 -9.12
C PHE B 37 -13.45 -1.73 -10.55
N HIS B 38 -14.27 -1.52 -11.57
CA HIS B 38 -13.77 -1.63 -12.97
C HIS B 38 -12.75 -0.55 -13.28
N GLU B 39 -12.70 0.48 -12.46
CA GLU B 39 -11.74 1.54 -12.66
C GLU B 39 -10.45 1.32 -11.91
N MET B 40 -10.28 0.16 -11.30
CA MET B 40 -9.09 -0.05 -10.50
C MET B 40 -7.77 0.13 -11.34
N LYS B 41 -7.66 -0.56 -12.47
CA LYS B 41 -6.40 -0.50 -13.23
C LYS B 41 -5.97 0.92 -13.58
N HIS B 42 -6.90 1.68 -14.12
CA HIS B 42 -6.66 3.08 -14.41
C HIS B 42 -6.30 3.86 -13.14
N THR B 43 -7.08 3.66 -12.10
CA THR B 43 -6.87 4.49 -10.89
C THR B 43 -5.53 4.24 -10.24
N VAL B 44 -5.11 2.98 -10.19
CA VAL B 44 -3.89 2.64 -9.52
C VAL B 44 -2.78 3.29 -10.29
N ASN B 45 -2.77 3.07 -11.63
CA ASN B 45 -1.82 3.70 -12.51
C ASN B 45 -1.73 5.18 -12.50
N ALA B 46 -2.88 5.85 -12.40
CA ALA B 46 -2.88 7.29 -12.29
C ALA B 46 -2.14 7.67 -11.05
N LEU B 47 -2.52 7.06 -9.92
CA LEU B 47 -1.87 7.37 -8.62
C LEU B 47 -0.37 7.04 -8.66
N LEU B 48 -0.01 5.98 -9.37
CA LEU B 48 1.38 5.62 -9.52
C LEU B 48 2.07 6.77 -10.18
N GLU B 49 1.55 7.18 -11.33
CA GLU B 49 2.23 8.13 -12.20
C GLU B 49 2.32 9.48 -11.50
N LYS B 50 1.30 9.78 -10.72
CA LYS B 50 1.29 10.99 -9.94
C LYS B 50 2.40 11.00 -8.89
N GLY B 51 2.64 9.87 -8.25
CA GLY B 51 3.77 9.75 -7.33
C GLY B 51 5.15 9.82 -8.01
N LEU B 52 5.30 9.20 -9.17
CA LEU B 52 6.61 9.13 -9.81
C LEU B 52 7.09 10.48 -10.31
N SER B 53 6.16 11.33 -10.72
CA SER B 53 6.51 12.43 -11.61
C SER B 53 6.22 13.75 -10.92
N HIS B 54 6.56 13.85 -9.64
CA HIS B 54 6.13 14.99 -8.87
C HIS B 54 7.30 15.97 -8.82
N SER B 55 6.99 17.26 -8.80
CA SER B 55 8.01 18.32 -8.88
C SER B 55 8.73 18.48 -7.54
N ARG B 56 8.24 17.81 -6.51
CA ARG B 56 8.90 17.81 -5.21
C ARG B 56 10.00 16.74 -5.18
N GLY B 57 10.08 15.92 -6.22
CA GLY B 57 11.18 14.96 -6.36
C GLY B 57 10.70 13.57 -6.68
N LYS B 58 11.61 12.75 -7.15
CA LYS B 58 11.35 11.33 -7.33
C LYS B 58 11.45 10.61 -5.96
N PRO B 59 10.51 9.71 -5.66
CA PRO B 59 10.46 9.05 -4.35
C PRO B 59 11.26 7.75 -4.27
N ASP B 60 11.70 7.40 -3.06
CA ASP B 60 12.30 6.09 -2.79
C ASP B 60 11.37 5.23 -1.94
N PHE B 61 10.16 5.71 -1.77
CA PHE B 61 9.13 4.91 -1.17
C PHE B 61 7.76 5.29 -1.68
N MET B 62 6.93 4.29 -1.92
CA MET B 62 5.58 4.57 -2.29
C MET B 62 4.74 3.41 -1.89
N GLN B 63 3.50 3.73 -1.48
CA GLN B 63 2.52 2.74 -1.15
C GLN B 63 1.21 3.07 -1.83
N ILE B 64 0.55 2.04 -2.36
CA ILE B 64 -0.77 2.18 -2.97
C ILE B 64 -1.67 1.08 -2.44
N GLN B 65 -2.89 1.45 -2.10
CA GLN B 65 -3.72 0.51 -1.36
C GLN B 65 -5.18 0.77 -1.66
N PHE B 66 -5.95 -0.31 -1.74
CA PHE B 66 -7.40 -0.18 -1.91
C PHE B 66 -8.14 -1.00 -0.88
N GLU B 67 -9.31 -0.52 -0.48
CA GLU B 67 -10.21 -1.31 0.31
C GLU B 67 -11.66 -1.08 -0.07
N GLU B 68 -12.42 -2.15 -0.12
CA GLU B 68 -13.86 -2.03 -0.23
C GLU B 68 -14.40 -1.17 0.91
N VAL B 69 -15.26 -0.24 0.56
CA VAL B 69 -15.94 0.62 1.51
C VAL B 69 -17.32 0.05 1.86
N HIS B 70 -17.62 -0.09 3.15
CA HIS B 70 -18.87 -0.70 3.55
C HIS B 70 -19.93 0.34 3.90
N GLU B 71 -19.47 1.50 4.33
CA GLU B 71 -20.37 2.58 4.70
C GLU B 71 -21.08 2.91 3.41
N SER B 72 -22.32 3.37 3.48
CA SER B 72 -22.96 3.81 2.28
C SER B 72 -22.47 5.21 1.89
N ILE B 73 -22.68 5.56 0.63
CA ILE B 73 -21.99 6.67 0.02
C ILE B 73 -22.95 7.79 -0.14
N LYS B 74 -22.52 8.99 0.15
CA LYS B 74 -23.42 10.12 -0.03
C LYS B 74 -22.88 10.89 -1.22
N THR B 75 -23.77 11.22 -2.13
CA THR B 75 -23.56 12.16 -3.18
C THR B 75 -24.05 13.58 -2.85
N ILE B 76 -23.15 14.55 -3.12
CA ILE B 76 -23.35 15.97 -2.99
C ILE B 76 -22.86 16.75 -4.20
N GLN B 77 -23.40 17.95 -4.32
CA GLN B 77 -22.95 18.97 -5.27
C GLN B 77 -21.60 19.49 -4.83
N PRO B 78 -20.77 19.97 -5.78
CA PRO B 78 -19.61 20.75 -5.36
C PRO B 78 -20.02 22.11 -4.81
N LEU B 79 -19.23 22.65 -3.90
CA LEU B 79 -19.30 24.07 -3.61
C LEU B 79 -19.40 24.91 -4.87
N PRO B 80 -20.25 25.94 -4.83
CA PRO B 80 -20.14 27.01 -5.78
C PRO B 80 -18.76 27.63 -5.81
N VAL B 81 -18.31 28.02 -6.99
CA VAL B 81 -16.94 28.42 -7.22
C VAL B 81 -16.89 29.86 -7.64
N HIS B 82 -15.94 30.61 -7.09
CA HIS B 82 -15.63 31.92 -7.62
C HIS B 82 -14.12 32.08 -7.64
N THR B 83 -13.60 32.55 -8.77
CA THR B 83 -12.16 32.75 -8.96
C THR B 83 -11.79 34.23 -8.78
N ASN B 84 -10.96 34.53 -7.78
CA ASN B 84 -10.47 35.88 -7.56
C ASN B 84 -9.08 36.08 -8.23
N GLU B 85 -9.00 36.93 -9.24
CA GLU B 85 -7.74 37.26 -9.90
C GLU B 85 -7.00 38.24 -9.04
N VAL B 86 -5.79 37.90 -8.63
CA VAL B 86 -4.95 38.85 -7.93
C VAL B 86 -3.60 38.93 -8.64
N SER B 87 -2.82 39.96 -8.32
CA SER B 87 -1.59 40.20 -9.01
C SER B 87 -0.39 39.78 -8.21
N CYS B 88 -0.57 39.47 -6.93
CA CYS B 88 0.57 39.05 -6.11
C CYS B 88 0.14 38.33 -4.84
N PRO B 89 1.04 37.51 -4.29
CA PRO B 89 0.75 36.69 -3.14
C PRO B 89 0.26 37.52 -1.96
N GLU B 90 0.83 38.70 -1.77
CA GLU B 90 0.47 39.52 -0.61
C GLU B 90 -0.96 40.00 -0.72
N GLU B 91 -1.39 40.32 -1.94
CA GLU B 91 -2.76 40.70 -2.20
C GLU B 91 -3.68 39.50 -2.02
N GLY B 92 -3.22 38.34 -2.50
CA GLY B 92 -3.95 37.10 -2.33
C GLY B 92 -4.25 36.78 -0.88
N GLN B 93 -3.23 36.87 -0.04
CA GLN B 93 -3.35 36.47 1.34
C GLN B 93 -4.23 37.46 2.11
N LYS B 94 -4.11 38.74 1.79
CA LYS B 94 -5.00 39.72 2.39
C LYS B 94 -6.44 39.42 2.06
N LEU B 95 -6.71 39.11 0.80
CA LEU B 95 -8.05 38.73 0.42
C LEU B 95 -8.52 37.48 1.16
N ALA B 96 -7.65 36.49 1.24
CA ALA B 96 -7.96 35.28 1.96
C ALA B 96 -8.39 35.61 3.40
N ARG B 97 -7.62 36.46 4.08
CA ARG B 97 -7.89 36.78 5.47
C ARG B 97 -9.22 37.51 5.59
N LEU B 98 -9.55 38.30 4.60
CA LEU B 98 -10.81 39.00 4.56
C LEU B 98 -11.97 38.02 4.38
N LEU B 99 -11.80 37.03 3.53
CA LEU B 99 -12.88 36.09 3.30
C LEU B 99 -13.09 35.16 4.51
N LEU B 100 -12.02 34.78 5.17
CA LEU B 100 -12.16 33.95 6.33
C LEU B 100 -12.96 34.71 7.41
N GLU B 101 -12.76 36.01 7.52
CA GLU B 101 -13.45 36.80 8.52
C GLU B 101 -14.91 36.96 8.18
N LYS B 102 -15.18 37.21 6.91
CA LYS B 102 -16.54 37.33 6.43
C LYS B 102 -17.30 35.99 6.47
N GLU B 103 -16.61 34.87 6.47
CA GLU B 103 -17.28 33.58 6.63
C GLU B 103 -17.58 33.32 8.09
N GLY B 104 -16.87 33.98 8.99
CA GLY B 104 -17.14 33.83 10.40
C GLY B 104 -15.96 33.52 11.30
N VAL B 105 -14.76 33.44 10.77
CA VAL B 105 -13.60 33.34 11.66
C VAL B 105 -13.18 34.71 12.15
N SER B 106 -12.94 34.84 13.45
CA SER B 106 -12.54 36.11 14.01
C SER B 106 -11.12 36.51 13.59
N ARG B 107 -10.89 37.80 13.44
CA ARG B 107 -9.61 38.33 13.02
C ARG B 107 -8.49 37.80 13.89
N ASP B 108 -8.75 37.71 15.17
CA ASP B 108 -7.69 37.35 16.08
C ASP B 108 -7.36 35.84 15.99
N VAL B 109 -8.32 35.01 15.65
CA VAL B 109 -8.06 33.59 15.45
C VAL B 109 -7.26 33.42 14.13
N ILE B 110 -7.62 34.20 13.11
CA ILE B 110 -6.95 34.21 11.85
C ILE B 110 -5.50 34.57 12.08
N GLU B 111 -5.26 35.64 12.83
CA GLU B 111 -3.90 36.13 12.97
C GLU B 111 -3.06 35.13 13.69
N LYS B 112 -3.62 34.45 14.67
CA LYS B 112 -2.88 33.44 15.40
C LYS B 112 -2.50 32.27 14.49
N ALA B 113 -3.48 31.83 13.70
CA ALA B 113 -3.26 30.70 12.80
C ALA B 113 -2.11 31.02 11.84
N TYR B 114 -2.08 32.24 11.32
CA TYR B 114 -1.06 32.63 10.34
C TYR B 114 0.31 32.67 10.92
N GLU B 115 0.40 33.07 12.19
CA GLU B 115 1.66 33.00 12.89
C GLU B 115 2.22 31.59 12.99
N GLN B 116 1.36 30.58 12.93
CA GLN B 116 1.78 29.18 13.11
C GLN B 116 1.86 28.36 11.81
N ILE B 117 1.33 28.91 10.72
CA ILE B 117 1.31 28.20 9.45
C ILE B 117 2.71 27.79 8.94
N PRO B 118 3.71 28.67 9.12
CA PRO B 118 5.05 28.29 8.73
C PRO B 118 5.56 27.03 9.43
N GLU B 119 5.25 26.87 10.71
CA GLU B 119 5.64 25.68 11.46
C GLU B 119 4.81 24.44 11.13
N TRP B 120 3.73 24.60 10.38
CA TRP B 120 2.94 23.43 9.94
C TRP B 120 3.36 22.97 8.53
N SER B 121 4.34 23.63 7.94
CA SER B 121 4.65 23.38 6.54
C SER B 121 5.01 21.91 6.32
N ASP B 122 5.52 21.23 7.34
CA ASP B 122 5.89 19.82 7.21
C ASP B 122 4.83 18.85 7.73
N VAL B 123 3.64 19.35 8.08
CA VAL B 123 2.55 18.47 8.44
C VAL B 123 1.94 17.84 7.23
N ARG B 124 1.78 16.52 7.23
CA ARG B 124 1.52 15.75 6.01
C ARG B 124 0.05 15.48 5.79
N GLY B 125 -0.75 16.51 5.94
CA GLY B 125 -2.18 16.36 6.18
C GLY B 125 -2.74 17.69 6.69
N ALA B 126 -4.01 17.75 6.95
CA ALA B 126 -4.64 18.99 7.38
C ALA B 126 -4.38 19.25 8.84
N VAL B 127 -4.36 20.55 9.21
CA VAL B 127 -4.34 20.99 10.61
C VAL B 127 -5.70 21.53 11.01
N LEU B 128 -6.12 21.18 12.22
CA LEU B 128 -7.41 21.57 12.76
C LEU B 128 -7.16 22.65 13.80
N PHE B 129 -7.83 23.79 13.64
CA PHE B 129 -7.62 24.93 14.51
C PHE B 129 -8.94 25.33 15.23
N ASP B 130 -8.97 25.21 16.54
CA ASP B 130 -10.19 25.44 17.35
C ASP B 130 -10.46 26.94 17.50
N ILE B 131 -11.52 27.44 16.90
CA ILE B 131 -11.79 28.87 17.01
C ILE B 131 -12.23 29.29 18.44
N HIS B 132 -12.48 28.35 19.36
CA HIS B 132 -12.80 28.75 20.74
C HIS B 132 -11.54 28.92 21.54
N THR B 133 -10.55 28.08 21.26
CA THR B 133 -9.31 28.15 22.04
C THR B 133 -8.29 29.02 21.39
N GLY B 134 -8.43 29.30 20.10
CA GLY B 134 -7.35 29.98 19.37
C GLY B 134 -6.11 29.11 19.30
N LYS B 135 -6.31 27.79 19.25
CA LYS B 135 -5.21 26.84 19.25
C LYS B 135 -5.48 25.63 18.36
N ARG B 136 -4.40 24.97 17.95
CA ARG B 136 -4.50 23.77 17.18
C ARG B 136 -5.26 22.76 18.02
N MET B 137 -6.22 22.11 17.40
CA MET B 137 -7.12 21.19 18.06
C MET B 137 -6.71 19.72 17.93
N ASP B 138 -6.18 19.33 16.76
CA ASP B 138 -5.85 17.91 16.56
C ASP B 138 -4.50 17.57 17.16
N GLN B 139 -4.30 16.30 17.47
CA GLN B 139 -3.04 15.86 18.07
C GLN B 139 -2.23 14.94 17.18
N THR B 140 -2.35 15.10 15.86
CA THR B 140 -1.65 14.26 14.89
C THR B 140 -0.25 14.76 14.60
N LYS B 141 0.12 15.90 15.16
CA LYS B 141 1.43 16.48 14.91
C LYS B 141 1.82 16.53 13.42
N GLU B 142 2.94 15.93 13.04
CA GLU B 142 3.47 16.07 11.66
C GLU B 142 2.72 15.19 10.69
N LYS B 143 1.96 14.22 11.22
CA LYS B 143 1.17 13.35 10.42
C LYS B 143 0.06 14.10 9.73
N GLY B 144 -0.57 15.02 10.44
CA GLY B 144 -1.72 15.71 9.90
C GLY B 144 -2.97 14.84 9.87
N VAL B 145 -4.13 15.49 9.80
CA VAL B 145 -5.39 14.80 9.66
C VAL B 145 -5.56 14.52 8.14
N ARG B 146 -6.03 13.33 7.80
CA ARG B 146 -6.06 12.81 6.43
C ARG B 146 -7.42 12.66 5.86
N VAL B 147 -7.89 13.62 5.10
CA VAL B 147 -9.23 13.48 4.55
C VAL B 147 -9.26 12.43 3.43
N SER B 148 -10.24 11.53 3.47
CA SER B 148 -10.22 10.32 2.70
C SER B 148 -11.61 9.95 2.20
N ARG B 149 -11.62 9.14 1.14
CA ARG B 149 -12.83 8.54 0.63
C ARG B 149 -13.74 9.55 0.05
N MET B 150 -13.18 10.47 -0.71
CA MET B 150 -13.99 11.38 -1.50
C MET B 150 -13.42 11.38 -2.94
N ASP B 151 -14.29 11.61 -3.92
CA ASP B 151 -13.86 11.62 -5.34
C ASP B 151 -14.97 12.21 -6.18
N TRP B 152 -14.71 12.34 -7.48
CA TRP B 152 -15.55 13.06 -8.42
C TRP B 152 -15.36 12.41 -9.76
N PRO B 153 -16.34 11.61 -10.16
CA PRO B 153 -16.15 11.05 -11.51
C PRO B 153 -15.66 12.12 -12.51
N ASP B 154 -14.72 11.72 -13.42
CA ASP B 154 -14.18 12.66 -14.39
C ASP B 154 -15.18 13.29 -15.28
N ALA B 155 -16.03 12.45 -15.86
CA ALA B 155 -16.92 12.92 -16.90
C ALA B 155 -17.87 14.00 -16.27
N ASN B 156 -18.44 13.69 -15.11
CA ASN B 156 -19.29 14.72 -14.46
C ASN B 156 -18.41 15.93 -14.22
N PHE B 157 -17.15 15.71 -13.81
CA PHE B 157 -16.28 16.84 -13.51
C PHE B 157 -15.96 17.74 -14.68
N GLU B 158 -15.66 17.14 -15.81
CA GLU B 158 -15.30 17.90 -17.00
C GLU B 158 -16.48 18.73 -17.49
N LYS B 159 -17.70 18.17 -17.47
CA LYS B 159 -18.88 19.00 -17.77
C LYS B 159 -18.95 20.18 -16.80
N TRP B 160 -18.61 19.96 -15.54
CA TRP B 160 -18.69 21.03 -14.57
C TRP B 160 -17.68 22.09 -14.92
N ALA B 161 -16.46 21.67 -15.22
CA ALA B 161 -15.41 22.62 -15.59
C ALA B 161 -15.81 23.45 -16.77
N LEU B 162 -16.43 22.79 -17.73
CA LEU B 162 -16.75 23.45 -19.00
C LEU B 162 -17.79 24.54 -18.76
N HIS B 163 -18.87 24.17 -18.08
CA HIS B 163 -19.89 25.11 -17.65
C HIS B 163 -19.33 26.22 -16.77
N SER B 164 -18.35 25.93 -15.92
CA SER B 164 -17.90 26.92 -14.92
C SER B 164 -16.79 27.79 -15.45
N HIS B 165 -16.38 27.51 -16.70
CA HIS B 165 -15.21 28.13 -17.26
C HIS B 165 -14.08 28.03 -16.25
N VAL B 166 -13.79 26.82 -15.81
CA VAL B 166 -12.61 26.55 -15.01
C VAL B 166 -11.80 25.40 -15.66
N PRO B 167 -10.48 25.45 -15.52
CA PRO B 167 -9.73 24.45 -16.27
C PRO B 167 -9.98 23.03 -15.72
N ALA B 168 -10.10 22.04 -16.60
CA ALA B 168 -10.42 20.70 -16.19
C ALA B 168 -9.20 19.97 -15.65
N HIS B 169 -8.52 20.58 -14.67
CA HIS B 169 -7.33 19.99 -14.06
C HIS B 169 -7.63 19.12 -12.88
N SER B 170 -6.98 17.98 -12.84
CA SER B 170 -7.37 16.98 -11.90
C SER B 170 -7.10 17.49 -10.46
N ARG B 171 -6.16 18.43 -10.31
CA ARG B 171 -5.81 18.86 -9.00
C ARG B 171 -6.89 19.81 -8.46
N ILE B 172 -7.58 20.50 -9.38
CA ILE B 172 -8.77 21.27 -9.03
C ILE B 172 -9.93 20.37 -8.69
N LYS B 173 -10.07 19.29 -9.45
CA LYS B 173 -11.08 18.31 -9.11
C LYS B 173 -10.86 17.73 -7.72
N GLU B 174 -9.63 17.30 -7.48
CA GLU B 174 -9.28 16.76 -6.19
C GLU B 174 -9.51 17.75 -5.04
N ALA B 175 -9.16 19.01 -5.23
CA ALA B 175 -9.20 19.99 -4.17
C ALA B 175 -10.61 20.42 -3.88
N LEU B 176 -11.40 20.56 -4.95
CA LEU B 176 -12.82 20.91 -4.78
C LEU B 176 -13.67 19.76 -4.21
N ALA B 177 -13.35 18.52 -4.57
CA ALA B 177 -13.95 17.39 -3.87
C ALA B 177 -13.64 17.43 -2.36
N LEU B 178 -12.37 17.53 -2.00
CA LEU B 178 -11.99 17.60 -0.59
C LEU B 178 -12.70 18.77 0.11
N ALA B 179 -12.63 19.95 -0.51
CA ALA B 179 -13.20 21.09 0.06
C ALA B 179 -14.69 20.94 0.29
N SER B 180 -15.37 20.30 -0.65
CA SER B 180 -16.79 20.16 -0.53
C SER B 180 -17.15 19.19 0.55
N LYS B 181 -16.39 18.11 0.69
CA LYS B 181 -16.66 17.19 1.80
C LYS B 181 -16.48 17.89 3.14
N VAL B 182 -15.42 18.68 3.23
CA VAL B 182 -14.97 19.21 4.43
C VAL B 182 -15.94 20.25 4.90
N SER B 183 -16.26 21.19 4.04
CA SER B 183 -17.23 22.24 4.35
C SER B 183 -18.60 21.75 4.76
N ARG B 184 -18.96 20.57 4.28
CA ARG B 184 -20.28 20.06 4.65
C ARG B 184 -20.37 19.68 6.16
N HIS B 185 -19.23 19.45 6.79
CA HIS B 185 -19.20 19.01 8.17
C HIS B 185 -19.70 20.12 9.10
N PRO B 186 -20.68 19.81 9.93
CA PRO B 186 -21.29 20.91 10.63
C PRO B 186 -20.34 21.67 11.53
N ALA B 187 -19.28 21.05 12.00
CA ALA B 187 -18.30 21.73 12.87
C ALA B 187 -17.17 22.49 12.10
N VAL B 188 -17.22 22.52 10.78
CA VAL B 188 -16.21 23.27 10.02
C VAL B 188 -16.72 24.62 9.53
N VAL B 189 -16.14 25.71 10.05
CA VAL B 189 -16.42 27.05 9.56
C VAL B 189 -15.69 27.43 8.23
N ALA B 190 -14.43 27.07 8.07
CA ALA B 190 -13.69 27.51 6.90
C ALA B 190 -12.43 26.69 6.65
N GLU B 191 -11.96 26.72 5.43
CA GLU B 191 -10.72 26.00 5.13
C GLU B 191 -9.85 26.99 4.42
N LEU B 192 -8.58 26.97 4.77
CA LEU B 192 -7.59 27.79 4.10
C LEU B 192 -6.56 26.85 3.52
N CYS B 193 -6.25 27.02 2.24
CA CYS B 193 -5.40 26.07 1.57
C CYS B 193 -4.58 26.66 0.43
N TRP B 194 -3.28 26.40 0.43
CA TRP B 194 -2.54 26.55 -0.79
C TRP B 194 -1.50 25.44 -0.88
N SER B 195 -0.89 25.31 -2.06
CA SER B 195 -0.16 24.12 -2.45
C SER B 195 1.26 24.09 -1.88
N ASP B 196 1.82 22.89 -1.74
CA ASP B 196 3.21 22.75 -1.36
C ASP B 196 4.10 22.53 -2.59
N ASP B 197 3.46 22.37 -3.74
CA ASP B 197 4.15 22.32 -5.04
C ASP B 197 4.74 23.69 -5.40
N PRO B 198 6.08 23.74 -5.60
CA PRO B 198 6.75 24.97 -6.01
C PRO B 198 6.20 25.62 -7.27
N ASP B 199 5.45 24.86 -8.07
CA ASP B 199 5.05 25.29 -9.42
C ASP B 199 3.57 25.65 -9.55
N TYR B 200 2.87 25.75 -8.43
CA TYR B 200 1.43 26.01 -8.43
C TYR B 200 1.07 26.97 -7.29
N ILE B 201 0.63 28.17 -7.62
CA ILE B 201 0.56 29.23 -6.62
C ILE B 201 -0.88 29.60 -6.28
N THR B 202 -1.82 29.03 -7.01
CA THR B 202 -3.25 29.24 -6.73
C THR B 202 -3.60 28.43 -5.49
N GLY B 203 -4.42 29.04 -4.65
CA GLY B 203 -5.01 28.40 -3.48
C GLY B 203 -6.49 28.74 -3.33
N TYR B 204 -7.04 28.51 -2.16
CA TYR B 204 -8.42 28.91 -1.95
C TYR B 204 -8.68 29.07 -0.51
N VAL B 205 -9.78 29.77 -0.21
CA VAL B 205 -10.53 29.56 1.01
C VAL B 205 -11.91 29.07 0.66
N ALA B 206 -12.40 28.16 1.47
CA ALA B 206 -13.66 27.56 1.21
C ALA B 206 -14.50 27.68 2.48
N GLY B 207 -15.81 27.78 2.31
CA GLY B 207 -16.71 27.90 3.49
C GLY B 207 -18.13 27.66 3.04
N LYS B 208 -19.03 27.50 4.00
CA LYS B 208 -20.40 27.13 3.66
C LYS B 208 -21.06 28.21 2.86
N LYS B 209 -20.80 29.46 3.23
CA LYS B 209 -21.52 30.56 2.64
C LYS B 209 -20.86 31.10 1.40
N MET B 210 -19.55 31.26 1.45
CA MET B 210 -18.82 31.83 0.32
C MET B 210 -18.46 30.77 -0.72
N GLY B 211 -18.66 29.50 -0.40
CA GLY B 211 -18.30 28.44 -1.33
C GLY B 211 -16.79 28.30 -1.51
N TYR B 212 -16.37 27.89 -2.68
CA TYR B 212 -14.94 27.63 -2.94
C TYR B 212 -14.35 28.83 -3.62
N GLN B 213 -13.51 29.58 -2.92
CA GLN B 213 -13.04 30.87 -3.42
C GLN B 213 -11.57 30.77 -3.89
N ARG B 214 -11.37 30.62 -5.19
CA ARG B 214 -10.02 30.42 -5.69
C ARG B 214 -9.33 31.76 -5.73
N ILE B 215 -8.07 31.75 -5.32
CA ILE B 215 -7.28 32.98 -5.24
C ILE B 215 -5.99 32.67 -6.02
N THR B 216 -5.83 33.33 -7.14
CA THR B 216 -4.87 32.88 -8.16
C THR B 216 -3.39 33.03 -7.77
N ALA B 217 -3.08 33.80 -6.73
CA ALA B 217 -1.72 33.82 -6.20
C ALA B 217 -1.73 33.85 -4.69
N MET B 218 -1.17 32.82 -4.07
CA MET B 218 -1.18 32.69 -2.62
C MET B 218 0.24 32.59 -2.07
N LYS B 219 1.24 32.46 -2.97
CA LYS B 219 2.63 32.43 -2.60
C LYS B 219 3.46 32.72 -3.83
N GLU B 220 4.78 32.81 -3.65
CA GLU B 220 5.69 32.94 -4.78
C GLU B 220 5.99 31.58 -5.44
N TYR B 221 6.28 31.61 -6.75
CA TYR B 221 6.80 30.46 -7.43
C TYR B 221 8.08 30.07 -6.73
N GLY B 222 8.31 28.76 -6.65
CA GLY B 222 9.58 28.25 -6.18
C GLY B 222 9.59 27.97 -4.69
N THR B 223 8.62 28.47 -3.94
CA THR B 223 8.56 28.18 -2.51
C THR B 223 7.75 26.90 -2.30
N GLU B 224 8.11 26.13 -1.28
CA GLU B 224 7.53 24.80 -1.07
C GLU B 224 6.57 24.74 0.13
N GLU B 225 6.50 25.79 0.94
CA GLU B 225 5.58 25.82 2.07
C GLU B 225 4.17 25.95 1.54
N GLY B 226 3.38 24.92 1.76
CA GLY B 226 1.97 25.01 1.48
C GLY B 226 1.21 25.10 2.82
N CYS B 227 -0.10 24.93 2.76
CA CYS B 227 -0.92 25.03 3.97
C CYS B 227 -2.24 24.36 3.73
N ARG B 228 -2.72 23.63 4.73
CA ARG B 228 -4.15 23.28 4.81
C ARG B 228 -4.68 23.31 6.24
N VAL B 229 -5.64 24.18 6.50
CA VAL B 229 -6.13 24.39 7.86
C VAL B 229 -7.63 24.41 7.81
N PHE B 230 -8.26 23.65 8.70
CA PHE B 230 -9.71 23.73 8.89
C PHE B 230 -9.97 24.43 10.22
N PHE B 231 -10.81 25.46 10.20
CA PHE B 231 -11.17 26.18 11.38
C PHE B 231 -12.45 25.59 11.96
N ILE B 232 -12.35 25.10 13.19
CA ILE B 232 -13.35 24.24 13.77
C ILE B 232 -14.13 24.96 14.84
N ASP B 233 -15.44 24.82 14.75
CA ASP B 233 -16.34 25.30 15.73
C ASP B 233 -17.26 24.18 16.17
N GLY B 234 -16.80 23.42 17.16
CA GLY B 234 -17.50 22.22 17.57
C GLY B 234 -17.25 21.96 19.04
N SER B 235 -18.08 21.11 19.62
CA SER B 235 -18.03 20.87 21.04
C SER B 235 -17.72 19.42 21.35
N ASN B 236 -17.61 18.61 20.30
CA ASN B 236 -17.51 17.18 20.49
C ASN B 236 -16.03 16.88 20.61
N ASP B 237 -15.69 15.63 20.87
CA ASP B 237 -14.29 15.25 20.85
C ASP B 237 -13.75 15.44 19.40
N VAL B 238 -12.49 15.90 19.29
CA VAL B 238 -11.82 16.14 17.99
C VAL B 238 -11.72 14.84 17.23
N ASN B 239 -11.61 13.73 17.93
CA ASN B 239 -11.46 12.43 17.30
C ASN B 239 -12.69 11.98 16.56
N THR B 240 -13.85 12.42 17.02
CA THR B 240 -15.08 12.16 16.32
C THR B 240 -15.03 12.88 14.99
N TYR B 241 -14.54 14.11 15.01
CA TYR B 241 -14.47 14.91 13.79
C TYR B 241 -13.44 14.28 12.85
N ILE B 242 -12.32 13.82 13.39
CA ILE B 242 -11.24 13.25 12.61
C ILE B 242 -11.75 11.97 11.94
N HIS B 243 -12.49 11.18 12.69
CA HIS B 243 -13.12 9.99 12.14
C HIS B 243 -14.06 10.29 10.96
N ASP B 244 -14.90 11.31 11.09
CA ASP B 244 -15.76 11.69 9.97
C ASP B 244 -14.91 12.00 8.76
N LEU B 245 -13.87 12.79 8.99
CA LEU B 245 -13.07 13.28 7.89
C LEU B 245 -12.33 12.16 7.20
N GLU B 246 -11.99 11.10 7.94
CA GLU B 246 -11.35 9.93 7.33
C GLU B 246 -12.31 8.91 6.73
N LYS B 247 -13.47 8.71 7.33
CA LYS B 247 -14.26 7.53 7.00
C LYS B 247 -15.44 7.79 6.11
N GLN B 248 -15.92 9.02 6.11
CA GLN B 248 -17.25 9.23 5.55
C GLN B 248 -17.12 9.33 4.02
N PRO B 249 -17.81 8.45 3.30
CA PRO B 249 -17.55 8.37 1.87
C PRO B 249 -18.44 9.34 1.13
N ILE B 250 -17.81 10.18 0.30
CA ILE B 250 -18.48 11.27 -0.35
C ILE B 250 -18.16 11.26 -1.87
N LEU B 251 -19.17 11.23 -2.72
CA LEU B 251 -18.98 11.48 -4.16
C LEU B 251 -19.61 12.82 -4.53
N ILE B 252 -18.91 13.58 -5.38
CA ILE B 252 -19.44 14.78 -5.98
C ILE B 252 -20.10 14.46 -7.30
N GLU B 253 -21.38 14.81 -7.41
CA GLU B 253 -22.06 14.95 -8.66
C GLU B 253 -22.56 16.36 -8.89
N TRP B 254 -22.12 16.98 -9.98
CA TRP B 254 -22.65 18.28 -10.30
C TRP B 254 -23.90 18.07 -11.10
N GLU B 255 -24.98 18.73 -10.71
CA GLU B 255 -26.26 18.56 -11.40
C GLU B 255 -26.42 19.59 -12.48
N GLU B 256 -26.55 19.11 -13.71
CA GLU B 256 -26.48 19.94 -14.90
C GLU B 256 -27.77 20.75 -15.14
N ASP B 257 -28.92 20.09 -14.97
CA ASP B 257 -30.24 20.74 -14.88
C ASP B 257 -30.31 22.07 -14.09
N HIS B 258 -29.64 22.15 -12.95
CA HIS B 258 -29.81 23.29 -12.05
C HIS B 258 -29.13 24.53 -12.67
N ASP B 259 -29.80 25.18 -13.61
CA ASP B 259 -29.37 26.48 -14.11
C ASP B 259 -30.32 27.01 -15.19
C1 PML C . 6.23 -26.21 -7.35
O11 PML C . 7.38 -26.58 -7.07
O12 PML C . 5.54 -26.80 -8.22
C2 PML C . 5.65 -25.02 -6.63
C3 PML C . 5.06 -25.41 -5.28
C4 PML C . 4.91 -24.21 -4.35
C5 PML C . 3.46 -23.86 -4.05
C6 PML C . 3.34 -22.47 -3.43
C7 PML C . 2.12 -21.74 -3.96
O71 PML C . 2.09 -21.35 -5.16
O72 PML C . 1.17 -21.54 -3.17
O4 2PE D . 0.14 -21.02 5.90
C5 2PE D . -0.09 -20.47 4.58
C6 2PE D . 1.23 -20.21 3.84
O7 2PE D . 1.08 -20.57 2.46
C8 2PE D . 2.34 -20.92 1.85
C9 2PE D . 2.19 -21.19 0.36
O10 2PE D . 1.76 -20.02 -0.33
N1A COA E . 10.32 3.87 4.01
C2A COA E . 9.93 5.17 4.00
N3A COA E . 8.70 5.55 4.40
C4A COA E . 7.80 4.62 4.86
C5A COA E . 8.14 3.21 4.89
C6A COA E . 9.49 2.86 4.41
N6A COA E . 9.86 1.57 4.41
N7A COA E . 7.07 2.51 5.34
C8A COA E . 6.10 3.42 5.60
N9A COA E . 6.54 4.68 5.31
C1B COA E . 5.79 5.96 5.45
C2B COA E . 4.28 5.77 5.37
O2B COA E . 3.79 5.90 4.02
C3B COA E . 3.78 6.82 6.35
O3B COA E . 3.56 8.05 5.68
P3B COA E . 2.32 9.03 6.00
O7A COA E . 2.69 10.34 5.36
O8A COA E . 2.31 9.04 7.52
O9A COA E . 1.18 8.32 5.29
C4B COA E . 4.90 7.04 7.35
O4B COA E . 6.10 6.56 6.73
C5B COA E . 4.64 6.35 8.69
O5B COA E . 4.35 4.96 8.48
P1A COA E . 3.49 4.11 9.54
O1A COA E . 3.47 4.89 10.85
O2A COA E . 3.99 2.69 9.53
O3A COA E . 2.00 4.17 8.91
P2A COA E . 1.27 2.88 8.28
O4A COA E . -0.02 3.50 7.53
O5A COA E . 2.19 2.28 7.24
O6A COA E . 0.75 2.05 9.43
C1 PML F . -3.03 21.54 -3.93
O11 PML F . -3.03 21.13 -5.12
O12 PML F . -2.46 20.94 -2.98
C2 PML F . -3.77 22.81 -3.61
C3 PML F . -4.40 23.38 -4.86
C4 PML F . -5.63 24.17 -4.48
C5 PML F . -6.05 25.10 -5.59
C6 PML F . -6.75 24.33 -6.69
C7 PML F . -7.40 25.32 -7.62
O71 PML F . -6.65 25.94 -8.41
O72 PML F . -8.65 25.46 -7.53
#